data_6J02
#
_entry.id   6J02
#
_cell.length_a   39.274
_cell.length_b   42.881
_cell.length_c   45.469
_cell.angle_alpha   91.03
_cell.angle_beta   110.81
_cell.angle_gamma   117.35
#
_symmetry.space_group_name_H-M   'P 1'
#
loop_
_entity.id
_entity.type
_entity.pdbx_description
1 polymer 'Macrophage scavenger receptor types I and II'
2 non-polymer 'CALCIUM ION'
3 water water
#
_entity_poly.entity_id   1
_entity_poly.type   'polypeptide(L)'
_entity_poly.pdbx_seq_one_letter_code
;HHHHHHGSGSTPLKTVRLVGGSGAHEGRVEIFHQGQWGTICDDRWDIRAGQVVCRSLGYQEVLAVHKRAHFGQGTGPIWL
NEVMCFGRESSIENCKINQWGVLSCSHSEDAGVTCTS
;
_entity_poly.pdbx_strand_id   A,B
#
loop_
_chem_comp.id
_chem_comp.type
_chem_comp.name
_chem_comp.formula
CA non-polymer 'CALCIUM ION' 'Ca 2'
#
# COMPACT_ATOMS: atom_id res chain seq x y z
N LYS A 14 -9.44 21.97 -5.02
CA LYS A 14 -8.86 20.63 -4.99
C LYS A 14 -9.47 19.77 -6.10
N THR A 15 -8.62 19.21 -6.96
CA THR A 15 -9.06 18.45 -8.13
C THR A 15 -9.13 16.95 -7.88
N VAL A 16 -8.85 16.49 -6.66
CA VAL A 16 -8.93 15.08 -6.31
C VAL A 16 -9.75 14.92 -5.05
N ARG A 17 -10.54 13.85 -4.99
CA ARG A 17 -11.34 13.53 -3.81
C ARG A 17 -11.45 12.02 -3.69
N LEU A 18 -11.70 11.56 -2.47
CA LEU A 18 -11.91 10.16 -2.17
C LEU A 18 -13.35 9.96 -1.74
N VAL A 19 -14.01 8.94 -2.30
CA VAL A 19 -15.44 8.71 -2.10
C VAL A 19 -15.70 7.26 -1.73
N GLY A 20 -16.69 7.03 -0.88
CA GLY A 20 -17.18 5.69 -0.58
C GLY A 20 -16.42 4.96 0.51
N GLY A 21 -15.53 5.63 1.21
CA GLY A 21 -14.72 4.99 2.22
C GLY A 21 -15.32 5.15 3.60
N SER A 22 -14.69 4.48 4.57
CA SER A 22 -15.09 4.66 5.96
C SER A 22 -14.89 6.10 6.39
N GLY A 23 -13.72 6.66 6.11
CA GLY A 23 -13.42 8.05 6.42
C GLY A 23 -12.89 8.80 5.22
N ALA A 24 -12.51 10.06 5.41
CA ALA A 24 -12.02 10.82 4.27
C ALA A 24 -10.61 10.42 3.85
N HIS A 25 -9.90 9.65 4.67
CA HIS A 25 -8.54 9.21 4.36
C HIS A 25 -8.52 8.03 3.39
N GLU A 26 -9.66 7.53 2.93
CA GLU A 26 -9.73 6.38 2.03
C GLU A 26 -10.94 6.51 1.12
N GLY A 27 -10.83 5.92 -0.06
CA GLY A 27 -12.00 5.72 -0.91
C GLY A 27 -11.65 5.53 -2.37
N ARG A 28 -12.70 5.45 -3.19
CA ARG A 28 -12.54 5.56 -4.63
C ARG A 28 -11.94 6.91 -4.99
N VAL A 29 -10.91 6.92 -5.85
CA VAL A 29 -10.27 8.15 -6.27
C VAL A 29 -11.07 8.76 -7.41
N GLU A 30 -11.41 10.02 -7.27
CA GLU A 30 -12.07 10.75 -8.35
C GLU A 30 -11.29 12.03 -8.61
N ILE A 31 -11.25 12.42 -9.89
CA ILE A 31 -10.44 13.53 -10.33
C ILE A 31 -11.34 14.44 -11.15
N PHE A 32 -11.17 15.74 -11.00
CA PHE A 32 -11.99 16.74 -11.69
C PHE A 32 -11.21 17.25 -12.89
N HIS A 33 -11.82 17.14 -14.08
CA HIS A 33 -11.14 17.46 -15.34
C HIS A 33 -12.23 17.94 -16.29
N GLN A 34 -11.95 19.03 -16.99
CA GLN A 34 -12.88 19.58 -17.98
C GLN A 34 -14.33 19.56 -17.47
N GLY A 35 -14.51 20.11 -16.26
CA GLY A 35 -15.82 20.30 -15.66
C GLY A 35 -16.52 19.10 -15.10
N GLN A 36 -15.87 17.94 -14.99
CA GLN A 36 -16.55 16.72 -14.57
C GLN A 36 -15.66 15.97 -13.61
N TRP A 37 -16.24 15.44 -12.53
CA TRP A 37 -15.55 14.43 -11.73
C TRP A 37 -15.62 13.10 -12.45
N GLY A 38 -14.50 12.38 -12.48
CA GLY A 38 -14.44 11.10 -13.13
C GLY A 38 -13.46 10.23 -12.37
N THR A 39 -13.41 8.97 -12.76
CA THR A 39 -12.66 7.98 -11.98
C THR A 39 -11.34 7.57 -12.68
N ILE A 40 -10.63 6.65 -12.03
CA ILE A 40 -9.35 6.13 -12.50
C ILE A 40 -9.46 4.62 -12.64
N CYS A 41 -9.05 4.09 -13.77
CA CYS A 41 -9.09 2.66 -14.00
C CYS A 41 -7.97 1.98 -13.21
N ASP A 42 -8.21 0.73 -12.83
CA ASP A 42 -7.25 0.03 -11.99
C ASP A 42 -6.14 -0.69 -12.78
N ASP A 43 -6.15 -0.62 -14.10
CA ASP A 43 -5.26 -1.47 -14.91
C ASP A 43 -3.81 -1.23 -14.54
N ARG A 44 -3.40 0.02 -14.45
CA ARG A 44 -2.02 0.38 -14.16
C ARG A 44 -1.87 0.99 -12.77
N TRP A 45 -2.86 0.81 -11.92
CA TRP A 45 -2.91 1.50 -10.65
C TRP A 45 -1.89 0.89 -9.68
N ASP A 46 -0.98 1.70 -9.17
CA ASP A 46 0.05 1.15 -8.31
C ASP A 46 0.31 2.06 -7.12
N ILE A 47 1.11 1.56 -6.19
CA ILE A 47 1.33 2.23 -4.92
C ILE A 47 2.03 3.58 -5.08
N ARG A 48 2.77 3.79 -6.18
CA ARG A 48 3.40 5.09 -6.40
C ARG A 48 2.35 6.15 -6.69
N ALA A 49 1.33 5.78 -7.46
CA ALA A 49 0.24 6.70 -7.72
C ALA A 49 -0.59 6.91 -6.47
N GLY A 50 -0.74 5.86 -5.66
CA GLY A 50 -1.45 6.00 -4.40
C GLY A 50 -0.76 6.98 -3.46
N GLN A 51 0.56 6.87 -3.36
CA GLN A 51 1.33 7.85 -2.57
C GLN A 51 1.10 9.27 -3.07
N VAL A 52 1.14 9.47 -4.38
CA VAL A 52 0.93 10.81 -4.92
C VAL A 52 -0.44 11.33 -4.50
N VAL A 53 -1.47 10.49 -4.63
CA VAL A 53 -2.82 10.93 -4.33
C VAL A 53 -2.93 11.28 -2.84
N CYS A 54 -2.45 10.37 -2.01
CA CYS A 54 -2.57 10.56 -0.58
C CYS A 54 -1.85 11.83 -0.11
N ARG A 55 -0.64 12.07 -0.61
CA ARG A 55 0.09 13.23 -0.13
C ARG A 55 -0.50 14.53 -0.68
N SER A 56 -1.02 14.51 -1.91
CA SER A 56 -1.70 15.68 -2.45
C SER A 56 -2.96 16.05 -1.67
N LEU A 57 -3.51 15.10 -0.92
CA LEU A 57 -4.65 15.37 -0.06
C LEU A 57 -4.21 15.72 1.36
N GLY A 58 -2.90 15.88 1.58
CA GLY A 58 -2.38 16.29 2.86
C GLY A 58 -2.05 15.17 3.82
N TYR A 59 -2.15 13.91 3.40
CA TYR A 59 -1.82 12.78 4.27
C TYR A 59 -0.34 12.47 4.15
N GLN A 60 0.21 11.90 5.23
CA GLN A 60 1.65 11.66 5.25
C GLN A 60 2.04 10.50 4.35
N GLU A 61 1.22 9.44 4.29
CA GLU A 61 1.59 8.25 3.55
C GLU A 61 0.38 7.61 2.91
N VAL A 62 0.65 6.79 1.89
CA VAL A 62 -0.30 5.78 1.44
C VAL A 62 -0.12 4.52 2.27
N LEU A 63 -1.23 3.86 2.58
CA LEU A 63 -1.22 2.55 3.22
C LEU A 63 -1.58 1.42 2.28
N ALA A 64 -2.43 1.69 1.29
CA ALA A 64 -2.90 0.66 0.40
C ALA A 64 -3.45 1.28 -0.88
N VAL A 65 -3.31 0.54 -1.99
CA VAL A 65 -4.08 0.81 -3.20
C VAL A 65 -5.02 -0.36 -3.41
N HIS A 66 -6.15 -0.08 -4.05
CA HIS A 66 -7.22 -1.06 -4.19
C HIS A 66 -7.70 -1.03 -5.64
N LYS A 67 -8.01 -2.21 -6.14
CA LYS A 67 -8.51 -2.38 -7.51
C LYS A 67 -9.96 -2.85 -7.46
N ARG A 68 -10.58 -2.91 -8.64
CA ARG A 68 -11.87 -3.59 -8.83
C ARG A 68 -12.99 -2.96 -8.00
N ALA A 69 -13.05 -1.63 -8.01
CA ALA A 69 -14.14 -0.87 -7.39
C ALA A 69 -14.33 -1.30 -5.94
N HIS A 70 -13.22 -1.36 -5.22
CA HIS A 70 -13.22 -1.77 -3.83
C HIS A 70 -14.18 -0.96 -2.98
N PHE A 71 -14.28 0.35 -3.24
CA PHE A 71 -15.16 1.24 -2.50
C PHE A 71 -16.41 1.60 -3.29
N GLY A 72 -16.86 0.69 -4.14
CA GLY A 72 -18.00 0.93 -4.99
C GLY A 72 -17.60 1.52 -6.33
N GLN A 73 -18.49 1.35 -7.29
CA GLN A 73 -18.30 1.92 -8.62
C GLN A 73 -18.67 3.39 -8.66
N GLY A 74 -17.91 4.16 -9.44
CA GLY A 74 -18.29 5.51 -9.76
C GLY A 74 -19.22 5.54 -10.95
N THR A 75 -19.65 6.74 -11.29
CA THR A 75 -20.41 7.03 -12.50
C THR A 75 -19.66 8.07 -13.30
N GLY A 76 -20.09 8.29 -14.53
CA GLY A 76 -19.55 9.36 -15.33
C GLY A 76 -18.29 8.95 -16.05
N PRO A 77 -17.44 9.90 -16.40
CA PRO A 77 -16.25 9.56 -17.17
C PRO A 77 -15.29 8.76 -16.32
N ILE A 78 -14.56 7.88 -16.98
CA ILE A 78 -13.33 7.33 -16.44
C ILE A 78 -12.22 8.20 -17.01
N TRP A 79 -11.56 9.00 -16.17
CA TRP A 79 -10.65 10.00 -16.75
C TRP A 79 -9.27 9.45 -17.06
N LEU A 80 -8.74 8.55 -16.23
CA LEU A 80 -7.35 8.12 -16.36
C LEU A 80 -7.25 6.60 -16.35
N ASN A 81 -6.29 6.10 -17.12
CA ASN A 81 -5.90 4.71 -17.10
C ASN A 81 -4.40 4.66 -17.32
N GLU A 82 -3.94 5.30 -18.38
CA GLU A 82 -2.51 5.34 -18.68
C GLU A 82 -1.90 6.53 -17.97
N VAL A 83 -1.63 6.34 -16.67
CA VAL A 83 -0.95 7.32 -15.85
C VAL A 83 0.13 6.58 -15.07
N MET A 84 1.33 7.15 -15.01
CA MET A 84 2.51 6.55 -14.41
C MET A 84 3.14 7.60 -13.53
N CYS A 85 3.24 7.31 -12.23
CA CYS A 85 3.84 8.20 -11.27
C CYS A 85 5.14 7.58 -10.78
N PHE A 86 6.17 8.40 -10.58
CA PHE A 86 7.38 7.90 -9.94
C PHE A 86 7.24 7.89 -8.42
N GLY A 87 6.39 8.77 -7.90
CA GLY A 87 6.02 8.73 -6.50
C GLY A 87 6.10 10.05 -5.76
N ARG A 88 6.85 11.02 -6.28
CA ARG A 88 7.08 12.27 -5.57
C ARG A 88 6.41 13.45 -6.25
N GLU A 89 5.60 13.22 -7.28
CA GLU A 89 4.82 14.28 -7.90
C GLU A 89 3.87 14.92 -6.87
N SER A 90 3.61 16.22 -7.02
CA SER A 90 2.76 16.95 -6.10
C SER A 90 1.27 16.70 -6.32
N SER A 91 0.89 16.08 -7.43
CA SER A 91 -0.50 15.79 -7.75
C SER A 91 -0.53 14.78 -8.89
N ILE A 92 -1.62 14.02 -8.99
CA ILE A 92 -1.68 13.05 -10.08
C ILE A 92 -1.63 13.74 -11.43
N GLU A 93 -2.06 15.01 -11.50
CA GLU A 93 -2.00 15.70 -12.79
C GLU A 93 -0.56 15.94 -13.25
N ASN A 94 0.43 15.84 -12.34
CA ASN A 94 1.84 15.98 -12.71
C ASN A 94 2.50 14.64 -12.97
N CYS A 95 1.77 13.53 -12.84
CA CYS A 95 2.29 12.26 -13.29
C CYS A 95 2.22 12.19 -14.81
N LYS A 96 2.80 11.15 -15.38
CA LYS A 96 2.82 10.99 -16.82
C LYS A 96 1.51 10.39 -17.28
N ILE A 97 0.76 11.16 -18.07
CA ILE A 97 -0.58 10.82 -18.49
C ILE A 97 -0.58 10.75 -20.01
N ASN A 98 -0.88 9.56 -20.54
CA ASN A 98 -0.82 9.35 -21.99
C ASN A 98 -2.00 10.02 -22.68
N GLN A 99 -3.17 10.00 -22.04
CA GLN A 99 -4.36 10.65 -22.58
C GLN A 99 -5.38 10.73 -21.45
N TRP A 100 -6.32 11.64 -21.62
CA TRP A 100 -7.46 11.78 -20.72
C TRP A 100 -8.70 11.21 -21.38
N GLY A 101 -9.48 10.45 -20.62
CA GLY A 101 -10.70 9.86 -21.14
C GLY A 101 -10.48 8.43 -21.59
N VAL A 102 -11.22 7.51 -21.00
CA VAL A 102 -10.91 6.08 -21.09
C VAL A 102 -12.14 5.35 -21.58
N LEU A 103 -11.97 4.57 -22.65
CA LEU A 103 -13.05 3.73 -23.17
C LEU A 103 -12.74 2.25 -23.03
N SER A 104 -11.56 1.91 -22.57
CA SER A 104 -11.08 0.55 -22.46
C SER A 104 -11.35 -0.05 -21.10
N CYS A 105 -12.04 0.66 -20.21
CA CYS A 105 -12.33 0.19 -18.87
C CYS A 105 -13.80 0.39 -18.59
N SER A 106 -14.25 -0.20 -17.50
CA SER A 106 -15.58 0.06 -16.97
C SER A 106 -15.47 0.42 -15.51
N HIS A 107 -16.57 0.97 -14.98
CA HIS A 107 -16.51 1.44 -13.61
C HIS A 107 -16.31 0.31 -12.60
N SER A 108 -16.47 -0.96 -13.01
CA SER A 108 -16.15 -2.07 -12.11
C SER A 108 -14.67 -2.11 -11.79
N GLU A 109 -13.85 -1.37 -12.53
CA GLU A 109 -12.42 -1.32 -12.37
C GLU A 109 -11.96 -0.07 -11.65
N ASP A 110 -12.87 0.68 -11.00
CA ASP A 110 -12.48 1.98 -10.47
C ASP A 110 -11.49 1.80 -9.33
N ALA A 111 -10.42 2.60 -9.35
CA ALA A 111 -9.33 2.48 -8.40
C ALA A 111 -9.64 3.19 -7.08
N GLY A 112 -8.95 2.73 -6.02
CA GLY A 112 -9.11 3.30 -4.71
C GLY A 112 -7.80 3.33 -3.94
N VAL A 113 -7.79 4.07 -2.84
CA VAL A 113 -6.63 4.20 -1.96
C VAL A 113 -7.08 4.24 -0.51
N THR A 114 -6.15 3.86 0.38
CA THR A 114 -6.24 4.13 1.82
C THR A 114 -4.99 4.89 2.23
N CYS A 115 -5.18 6.03 2.87
CA CYS A 115 -4.10 6.89 3.31
C CYS A 115 -4.01 6.85 4.83
N THR A 116 -2.88 7.33 5.35
CA THR A 116 -2.70 7.60 6.79
C THR A 116 -4.00 7.54 7.58
N LYS B 14 15.97 -17.60 2.43
CA LYS B 14 14.69 -16.90 2.66
C LYS B 14 14.35 -16.77 4.15
N THR B 15 14.74 -15.63 4.68
CA THR B 15 14.59 -15.29 6.09
C THR B 15 13.29 -14.58 6.40
N VAL B 16 12.41 -14.42 5.42
CA VAL B 16 11.11 -13.78 5.59
C VAL B 16 10.06 -14.69 4.96
N ARG B 17 8.89 -14.76 5.60
CA ARG B 17 7.77 -15.52 5.06
C ARG B 17 6.49 -14.77 5.42
N LEU B 18 5.44 -15.02 4.65
CA LEU B 18 4.14 -14.43 4.92
C LEU B 18 3.18 -15.53 5.36
N VAL B 19 2.41 -15.26 6.42
CA VAL B 19 1.59 -16.28 7.07
C VAL B 19 0.17 -15.76 7.23
N GLY B 20 -0.81 -16.63 6.98
CA GLY B 20 -2.19 -16.37 7.36
C GLY B 20 -3.03 -15.66 6.33
N GLY B 21 -2.56 -15.48 5.10
CA GLY B 21 -3.31 -14.79 4.10
C GLY B 21 -4.06 -15.74 3.19
N SER B 22 -4.74 -15.16 2.20
CA SER B 22 -5.40 -15.97 1.20
C SER B 22 -4.40 -16.64 0.26
N GLY B 23 -3.17 -16.16 0.23
CA GLY B 23 -2.16 -16.76 -0.63
C GLY B 23 -0.79 -16.38 -0.16
N ALA B 24 0.22 -16.96 -0.80
CA ALA B 24 1.59 -16.68 -0.43
C ALA B 24 2.00 -15.24 -0.70
N HIS B 25 1.19 -14.49 -1.44
CA HIS B 25 1.51 -13.11 -1.78
C HIS B 25 1.13 -12.13 -0.68
N GLU B 26 0.49 -12.59 0.40
CA GLU B 26 0.03 -11.70 1.47
C GLU B 26 0.10 -12.45 2.80
N GLY B 27 0.22 -11.70 3.88
CA GLY B 27 0.02 -12.26 5.21
C GLY B 27 0.80 -11.49 6.26
N ARG B 28 0.74 -12.02 7.48
CA ARG B 28 1.60 -11.56 8.58
C ARG B 28 3.07 -11.76 8.23
N VAL B 29 3.89 -10.73 8.44
CA VAL B 29 5.30 -10.83 8.10
C VAL B 29 6.03 -11.48 9.25
N GLU B 30 6.78 -12.54 8.94
CA GLU B 30 7.59 -13.19 9.95
C GLU B 30 9.00 -13.28 9.43
N ILE B 31 9.96 -13.11 10.34
CA ILE B 31 11.36 -13.02 9.94
C ILE B 31 12.13 -13.96 10.84
N PHE B 32 13.13 -14.60 10.27
CA PHE B 32 13.91 -15.62 10.97
C PHE B 32 15.22 -15.01 11.42
N HIS B 33 15.52 -15.11 12.73
CA HIS B 33 16.64 -14.41 13.33
C HIS B 33 17.08 -15.20 14.55
N GLN B 34 18.38 -15.45 14.66
CA GLN B 34 18.92 -16.21 15.79
C GLN B 34 18.12 -17.51 16.01
N GLY B 35 17.88 -18.23 14.92
CA GLY B 35 17.25 -19.54 14.98
C GLY B 35 15.77 -19.57 15.28
N GLN B 36 15.07 -18.44 15.19
CA GLN B 36 13.68 -18.39 15.58
C GLN B 36 12.92 -17.49 14.61
N TRP B 37 11.74 -17.94 14.20
CA TRP B 37 10.81 -17.07 13.48
C TRP B 37 10.16 -16.12 14.48
N GLY B 38 10.14 -14.82 14.13
CA GLY B 38 9.47 -13.84 14.96
C GLY B 38 8.71 -12.88 14.09
N THR B 39 7.92 -12.03 14.72
CA THR B 39 7.05 -11.10 13.99
C THR B 39 7.61 -9.68 14.01
N ILE B 40 6.82 -8.74 13.48
CA ILE B 40 7.24 -7.36 13.31
C ILE B 40 6.11 -6.49 13.85
N CYS B 41 6.44 -5.58 14.76
CA CYS B 41 5.45 -4.71 15.36
C CYS B 41 4.99 -3.67 14.34
N ASP B 42 3.77 -3.20 14.50
CA ASP B 42 3.20 -2.31 13.50
C ASP B 42 3.49 -0.84 13.76
N ASP B 43 4.23 -0.51 14.82
CA ASP B 43 4.28 0.88 15.28
C ASP B 43 4.85 1.79 14.21
N ARG B 44 5.91 1.36 13.57
CA ARG B 44 6.54 2.17 12.54
C ARG B 44 6.39 1.55 11.17
N TRP B 45 5.48 0.58 11.04
CA TRP B 45 5.38 -0.22 9.83
C TRP B 45 4.79 0.63 8.71
N ASP B 46 5.49 0.72 7.57
CA ASP B 46 5.04 1.62 6.52
C ASP B 46 5.25 0.99 5.16
N ILE B 47 4.78 1.70 4.14
CA ILE B 47 4.68 1.14 2.80
C ILE B 47 6.06 0.85 2.20
N ARG B 48 7.08 1.59 2.64
CA ARG B 48 8.43 1.36 2.12
C ARG B 48 8.96 0.02 2.59
N ALA B 49 8.73 -0.30 3.87
CA ALA B 49 9.12 -1.61 4.39
C ALA B 49 8.31 -2.70 3.70
N GLY B 50 7.03 -2.44 3.45
CA GLY B 50 6.21 -3.38 2.71
C GLY B 50 6.77 -3.68 1.33
N GLN B 51 7.21 -2.65 0.60
CA GLN B 51 7.83 -2.86 -0.72
C GLN B 51 9.10 -3.69 -0.61
N VAL B 52 9.97 -3.37 0.35
CA VAL B 52 11.17 -4.19 0.55
C VAL B 52 10.80 -5.65 0.75
N VAL B 53 9.84 -5.94 1.63
CA VAL B 53 9.44 -7.31 1.90
C VAL B 53 8.92 -7.97 0.62
N CYS B 54 7.98 -7.32 -0.05
CA CYS B 54 7.35 -7.92 -1.22
C CYS B 54 8.37 -8.25 -2.30
N ARG B 55 9.23 -7.29 -2.63
CA ARG B 55 10.20 -7.52 -3.68
C ARG B 55 11.24 -8.56 -3.25
N SER B 56 11.59 -8.58 -1.96
CA SER B 56 12.54 -9.59 -1.50
C SER B 56 11.97 -11.00 -1.66
N LEU B 57 10.65 -11.13 -1.74
CA LEU B 57 9.98 -12.40 -1.94
C LEU B 57 9.73 -12.70 -3.42
N GLY B 58 10.19 -11.85 -4.32
CA GLY B 58 10.05 -12.04 -5.74
C GLY B 58 8.84 -11.38 -6.37
N TYR B 59 8.03 -10.65 -5.61
CA TYR B 59 6.87 -9.94 -6.14
C TYR B 59 7.28 -8.60 -6.72
N GLN B 60 6.48 -8.11 -7.67
CA GLN B 60 6.85 -6.89 -8.35
C GLN B 60 6.59 -5.66 -7.49
N GLU B 61 5.51 -5.67 -6.71
CA GLU B 61 5.11 -4.48 -5.96
C GLU B 61 4.48 -4.88 -4.63
N VAL B 62 4.44 -3.93 -3.74
CA VAL B 62 3.54 -4.00 -2.59
C VAL B 62 2.23 -3.35 -3.02
N LEU B 63 1.12 -3.88 -2.52
CA LEU B 63 -0.21 -3.28 -2.68
C LEU B 63 -0.72 -2.66 -1.40
N ALA B 64 -0.38 -3.22 -0.24
CA ALA B 64 -0.88 -2.69 1.00
C ALA B 64 0.02 -3.14 2.14
N VAL B 65 0.11 -2.32 3.18
CA VAL B 65 0.62 -2.76 4.48
C VAL B 65 -0.55 -2.75 5.46
N HIS B 66 -0.48 -3.63 6.46
CA HIS B 66 -1.54 -3.84 7.43
C HIS B 66 -1.01 -3.81 8.86
N LYS B 67 -1.80 -3.23 9.75
CA LYS B 67 -1.46 -3.16 11.16
C LYS B 67 -2.39 -4.04 11.99
N ARG B 68 -2.07 -4.15 13.28
CA ARG B 68 -2.98 -4.71 14.29
C ARG B 68 -3.40 -6.15 13.99
N ALA B 69 -2.42 -6.99 13.64
CA ALA B 69 -2.64 -8.43 13.47
C ALA B 69 -3.77 -8.70 12.49
N HIS B 70 -3.69 -8.03 11.33
CA HIS B 70 -4.73 -8.14 10.32
C HIS B 70 -4.92 -9.57 9.84
N PHE B 71 -3.84 -10.34 9.77
CA PHE B 71 -3.86 -11.73 9.32
C PHE B 71 -3.72 -12.68 10.49
N GLY B 72 -4.09 -12.25 11.68
CA GLY B 72 -3.93 -13.05 12.86
C GLY B 72 -2.65 -12.71 13.61
N GLN B 73 -2.68 -13.01 14.89
CA GLN B 73 -1.52 -12.85 15.75
C GLN B 73 -0.58 -14.02 15.57
N GLY B 74 0.71 -13.70 15.49
CA GLY B 74 1.74 -14.71 15.57
C GLY B 74 2.06 -15.02 17.03
N THR B 75 3.16 -15.74 17.21
CA THR B 75 3.63 -16.14 18.54
C THR B 75 5.13 -16.05 18.57
N GLY B 76 5.69 -16.25 19.77
CA GLY B 76 7.11 -16.22 19.92
C GLY B 76 7.64 -14.80 19.96
N PRO B 77 8.89 -14.62 19.56
CA PRO B 77 9.51 -13.29 19.63
C PRO B 77 8.83 -12.33 18.66
N ILE B 78 8.81 -11.07 19.07
CA ILE B 78 8.59 -9.96 18.15
C ILE B 78 9.98 -9.44 17.84
N TRP B 79 10.47 -9.69 16.61
CA TRP B 79 11.88 -9.39 16.36
C TRP B 79 12.16 -7.92 16.08
N LEU B 80 11.26 -7.21 15.41
CA LEU B 80 11.54 -5.86 14.93
C LEU B 80 10.41 -4.91 15.28
N ASN B 81 10.77 -3.67 15.58
CA ASN B 81 9.83 -2.57 15.73
C ASN B 81 10.46 -1.32 15.13
N GLU B 82 11.65 -0.99 15.59
CA GLU B 82 12.38 0.18 15.11
C GLU B 82 13.19 -0.26 13.90
N VAL B 83 12.51 -0.34 12.76
CA VAL B 83 13.15 -0.61 11.47
C VAL B 83 12.63 0.44 10.50
N MET B 84 13.55 1.01 9.71
CA MET B 84 13.23 2.09 8.78
C MET B 84 13.84 1.75 7.44
N CYS B 85 13.00 1.67 6.41
CA CYS B 85 13.40 1.32 5.07
C CYS B 85 13.22 2.54 4.17
N PHE B 86 14.17 2.76 3.27
CA PHE B 86 14.01 3.78 2.25
C PHE B 86 13.17 3.28 1.08
N GLY B 87 13.22 1.99 0.82
CA GLY B 87 12.32 1.39 -0.16
C GLY B 87 13.00 0.50 -1.18
N ARG B 88 14.29 0.72 -1.42
CA ARG B 88 15.00 -0.03 -2.46
C ARG B 88 15.97 -1.07 -1.89
N GLU B 89 15.94 -1.32 -0.58
CA GLU B 89 16.78 -2.34 0.01
C GLU B 89 16.39 -3.74 -0.47
N SER B 90 17.38 -4.62 -0.61
CA SER B 90 17.15 -5.96 -1.13
C SER B 90 16.49 -6.89 -0.13
N SER B 91 16.50 -6.53 1.14
CA SER B 91 15.92 -7.34 2.19
C SER B 91 15.70 -6.45 3.40
N ILE B 92 14.78 -6.86 4.25
CA ILE B 92 14.51 -6.02 5.41
C ILE B 92 15.69 -6.03 6.35
N GLU B 93 16.52 -7.08 6.27
CA GLU B 93 17.72 -7.10 7.09
C GLU B 93 18.68 -5.96 6.71
N ASN B 94 18.52 -5.41 5.50
CA ASN B 94 19.35 -4.32 5.01
C ASN B 94 18.71 -2.94 5.20
N CYS B 95 17.56 -2.87 5.84
CA CYS B 95 17.03 -1.60 6.31
C CYS B 95 17.72 -1.21 7.61
N LYS B 96 17.42 -0.02 8.08
CA LYS B 96 18.01 0.46 9.32
C LYS B 96 17.25 -0.09 10.53
N ILE B 97 17.93 -0.90 11.35
CA ILE B 97 17.31 -1.63 12.45
C ILE B 97 18.02 -1.19 13.72
N ASN B 98 17.27 -0.61 14.67
CA ASN B 98 17.94 -0.10 15.86
C ASN B 98 18.29 -1.19 16.85
N GLN B 99 17.45 -2.22 16.93
CA GLN B 99 17.56 -3.30 17.91
C GLN B 99 16.81 -4.51 17.37
N TRP B 100 17.32 -5.69 17.71
CA TRP B 100 16.56 -6.92 17.51
C TRP B 100 15.96 -7.36 18.83
N GLY B 101 14.66 -7.68 18.81
CA GLY B 101 13.98 -8.14 19.98
C GLY B 101 13.24 -6.99 20.60
N VAL B 102 11.93 -7.14 20.74
CA VAL B 102 11.02 -6.05 21.08
C VAL B 102 10.25 -6.44 22.33
N LEU B 103 10.23 -5.55 23.31
CA LEU B 103 9.40 -5.75 24.50
C LEU B 103 8.32 -4.69 24.65
N SER B 104 8.26 -3.71 23.76
CA SER B 104 7.31 -2.61 23.85
C SER B 104 6.05 -2.85 23.01
N CYS B 105 5.88 -4.04 22.46
CA CYS B 105 4.73 -4.35 21.64
C CYS B 105 4.16 -5.67 22.10
N SER B 106 2.96 -5.97 21.62
CA SER B 106 2.41 -7.30 21.76
C SER B 106 2.08 -7.87 20.38
N HIS B 107 1.74 -9.14 20.38
CA HIS B 107 1.42 -9.77 19.11
C HIS B 107 0.12 -9.26 18.51
N SER B 108 -0.71 -8.52 19.26
CA SER B 108 -1.88 -7.86 18.67
C SER B 108 -1.48 -6.79 17.67
N GLU B 109 -0.20 -6.43 17.63
CA GLU B 109 0.30 -5.40 16.74
C GLU B 109 1.12 -5.99 15.58
N ASP B 110 1.02 -7.30 15.35
CA ASP B 110 1.87 -7.93 14.36
C ASP B 110 1.53 -7.39 12.96
N ALA B 111 2.58 -7.06 12.21
CA ALA B 111 2.41 -6.36 10.95
C ALA B 111 2.20 -7.32 9.79
N GLY B 112 1.58 -6.80 8.72
CA GLY B 112 1.29 -7.60 7.55
C GLY B 112 1.45 -6.82 6.28
N VAL B 113 1.39 -7.55 5.16
CA VAL B 113 1.58 -6.98 3.83
C VAL B 113 0.73 -7.76 2.84
N THR B 114 0.29 -7.07 1.78
CA THR B 114 -0.26 -7.69 0.58
C THR B 114 0.62 -7.30 -0.59
N CYS B 115 1.11 -8.29 -1.34
CA CYS B 115 1.97 -8.05 -2.48
C CYS B 115 1.19 -8.36 -3.76
N THR B 116 1.76 -7.93 -4.88
CA THR B 116 1.10 -8.22 -6.16
C THR B 116 1.05 -9.72 -6.37
CA CA C . -8.55 -3.88 -14.72
CA CA D . 1.01 -0.33 17.47
#